data_8IS2
#
_entry.id   8IS2
#
_cell.length_a   50.945
_cell.length_b   50.945
_cell.length_c   74.750
_cell.angle_alpha   90.00
_cell.angle_beta   90.00
_cell.angle_gamma   120.00
#
_symmetry.space_group_name_H-M   'P 31'
#
loop_
_entity.id
_entity.type
_entity.pdbx_description
1 polymer Cyclase
2 water water
#
_entity_poly.entity_id   1
_entity_poly.type   'polypeptide(L)'
_entity_poly.pdbx_seq_one_letter_code
;GPSHMATTLIVARLKPGDHRDQISRLFAESDTTELPDLVGVQERRLLTFKDLYFHLVRTDEALSKTLTPQHDHPLFRSIS
EAMDEYVTPYEGAWGSVEQASARQFYHWKRGLGRVQP
;
_entity_poly.pdbx_strand_id   A,B
#
# COMPACT_ATOMS: atom_id res chain seq x y z
N MET A 5 3.50 10.64 12.38
CA MET A 5 3.28 9.41 11.63
C MET A 5 3.64 9.58 10.17
N ALA A 6 4.13 8.50 9.56
CA ALA A 6 4.25 8.43 8.11
C ALA A 6 3.89 7.03 7.65
N THR A 7 3.18 6.94 6.53
CA THR A 7 2.84 5.67 5.92
C THR A 7 3.49 5.62 4.54
N THR A 8 4.18 4.52 4.27
CA THR A 8 4.89 4.32 3.01
C THR A 8 4.41 3.04 2.37
N LEU A 9 4.17 3.09 1.05
CA LEU A 9 3.83 1.91 0.26
C LEU A 9 4.99 1.61 -0.68
N ILE A 10 5.65 0.49 -0.47
CA ILE A 10 6.78 0.06 -1.28
C ILE A 10 6.30 -1.03 -2.23
N VAL A 11 6.77 -0.96 -3.47
CA VAL A 11 6.27 -1.82 -4.54
C VAL A 11 7.45 -2.49 -5.23
N ALA A 12 7.29 -3.76 -5.54
CA ALA A 12 8.26 -4.48 -6.37
C ALA A 12 7.52 -5.55 -7.15
N ARG A 13 8.24 -6.19 -8.06
CA ARG A 13 7.69 -7.28 -8.85
C ARG A 13 8.14 -8.61 -8.25
N LEU A 14 7.20 -9.53 -8.04
CA LEU A 14 7.56 -10.87 -7.60
C LEU A 14 8.25 -11.64 -8.72
N LYS A 15 9.23 -12.47 -8.35
CA LYS A 15 9.78 -13.43 -9.30
C LYS A 15 8.83 -14.61 -9.40
N PRO A 16 8.90 -15.39 -10.49
CA PRO A 16 7.99 -16.53 -10.67
C PRO A 16 8.01 -17.47 -9.48
N GLY A 17 6.83 -18.01 -9.16
CA GLY A 17 6.62 -18.89 -8.03
C GLY A 17 5.65 -18.30 -7.04
N ASP A 18 5.52 -18.97 -5.90
CA ASP A 18 4.76 -18.48 -4.76
C ASP A 18 5.74 -18.36 -3.61
N HIS A 19 6.16 -17.13 -3.32
CA HIS A 19 7.18 -16.85 -2.32
C HIS A 19 6.59 -16.29 -1.05
N ARG A 20 5.26 -16.32 -0.89
CA ARG A 20 4.64 -15.59 0.21
C ARG A 20 5.07 -16.14 1.56
N ASP A 21 5.13 -17.47 1.72
CA ASP A 21 5.55 -18.04 2.99
C ASP A 21 6.98 -17.62 3.34
N GLN A 22 7.86 -17.57 2.33
CA GLN A 22 9.25 -17.19 2.55
C GLN A 22 9.37 -15.72 2.94
N ILE A 23 8.70 -14.83 2.18
CA ILE A 23 8.72 -13.39 2.46
C ILE A 23 8.14 -13.12 3.84
N SER A 24 6.98 -13.73 4.12
CA SER A 24 6.36 -13.60 5.44
C SER A 24 7.34 -13.95 6.53
N ARG A 25 8.06 -15.06 6.36
CA ARG A 25 9.01 -15.51 7.37
C ARG A 25 10.14 -14.49 7.56
N LEU A 26 10.69 -13.97 6.47
CA LEU A 26 11.75 -12.99 6.58
C LEU A 26 11.32 -11.81 7.45
N PHE A 27 10.11 -11.31 7.21
CA PHE A 27 9.63 -10.16 7.96
C PHE A 27 9.25 -10.53 9.39
N ALA A 28 8.57 -11.65 9.59
CA ALA A 28 8.23 -12.12 10.94
C ALA A 28 9.47 -12.22 11.82
N GLU A 29 10.52 -12.89 11.32
CA GLU A 29 11.76 -13.00 12.08
C GLU A 29 12.38 -11.63 12.35
N SER A 30 12.42 -10.76 11.33
CA SER A 30 12.96 -9.42 11.52
C SER A 30 12.18 -8.67 12.58
N ASP A 31 10.86 -8.81 12.57
CA ASP A 31 9.99 -8.07 13.49
C ASP A 31 10.03 -8.61 14.91
N THR A 32 10.72 -9.73 15.17
CA THR A 32 11.00 -10.13 16.54
C THR A 32 12.27 -9.51 17.09
N THR A 33 13.05 -8.82 16.26
CA THR A 33 14.30 -8.19 16.69
C THR A 33 14.01 -6.76 17.11
N GLU A 34 15.06 -6.04 17.48
CA GLU A 34 14.89 -4.62 17.74
C GLU A 34 14.80 -3.78 16.47
N LEU A 35 14.89 -4.38 15.28
CA LEU A 35 14.83 -3.59 14.03
C LEU A 35 13.57 -2.73 13.92
N PRO A 36 12.35 -3.23 14.14
CA PRO A 36 11.21 -2.31 14.15
C PRO A 36 11.31 -1.25 15.21
N ASP A 37 12.04 -1.50 16.29
CA ASP A 37 12.20 -0.49 17.34
C ASP A 37 13.22 0.57 16.93
N LEU A 38 14.26 0.19 16.20
CA LEU A 38 15.18 1.18 15.66
C LEU A 38 14.50 2.08 14.64
N VAL A 39 13.67 1.49 13.77
CA VAL A 39 12.99 2.25 12.73
C VAL A 39 11.87 3.11 13.34
N GLY A 40 11.16 2.58 14.31
CA GLY A 40 9.96 3.23 14.82
C GLY A 40 8.69 2.72 14.16
N VAL A 41 8.65 1.44 13.81
CA VAL A 41 7.49 0.90 13.10
C VAL A 41 6.32 0.76 14.05
N GLN A 42 5.16 1.27 13.63
CA GLN A 42 3.93 1.08 14.38
C GLN A 42 3.08 -0.07 13.84
N GLU A 43 3.13 -0.32 12.53
CA GLU A 43 2.31 -1.34 11.91
C GLU A 43 2.88 -1.65 10.54
N ARG A 44 2.81 -2.91 10.15
CA ARG A 44 3.35 -3.34 8.87
C ARG A 44 2.38 -4.34 8.26
N ARG A 45 2.17 -4.22 6.95
CA ARG A 45 1.39 -5.19 6.19
C ARG A 45 2.13 -5.49 4.90
N LEU A 46 2.10 -6.76 4.47
CA LEU A 46 2.61 -7.18 3.18
C LEU A 46 1.46 -7.77 2.37
N LEU A 47 1.41 -7.43 1.09
CA LEU A 47 0.34 -7.86 0.23
C LEU A 47 0.91 -8.27 -1.12
N THR A 48 0.11 -9.01 -1.88
CA THR A 48 0.44 -9.32 -3.26
C THR A 48 -0.79 -9.09 -4.12
N PHE A 49 -0.53 -8.70 -5.36
CA PHE A 49 -1.56 -8.66 -6.40
C PHE A 49 -0.90 -9.09 -7.70
N LYS A 50 -1.29 -10.25 -8.22
CA LYS A 50 -0.73 -10.78 -9.47
C LYS A 50 0.78 -10.91 -9.28
N ASP A 51 1.61 -10.30 -10.12
CA ASP A 51 3.05 -10.35 -9.95
C ASP A 51 3.61 -9.16 -9.17
N LEU A 52 2.80 -8.47 -8.38
CA LEU A 52 3.23 -7.30 -7.61
C LEU A 52 3.31 -7.65 -6.14
N TYR A 53 4.37 -7.16 -5.50
CA TYR A 53 4.61 -7.24 -4.06
C TYR A 53 4.42 -5.86 -3.45
N PHE A 54 3.76 -5.80 -2.29
CA PHE A 54 3.52 -4.53 -1.60
C PHE A 54 3.95 -4.64 -0.15
N HIS A 55 4.70 -3.65 0.30
CA HIS A 55 5.08 -3.52 1.70
C HIS A 55 4.52 -2.18 2.19
N LEU A 56 3.52 -2.24 3.06
CA LEU A 56 2.86 -1.06 3.61
C LEU A 56 3.29 -0.92 5.06
N VAL A 57 3.94 0.20 5.40
CA VAL A 57 4.56 0.36 6.72
C VAL A 57 4.27 1.75 7.28
N ARG A 58 3.82 1.82 8.52
CA ARG A 58 3.56 3.06 9.23
C ARG A 58 4.63 3.22 10.30
N THR A 59 5.32 4.36 10.29
CA THR A 59 6.42 4.62 11.20
C THR A 59 6.11 5.89 11.97
N ASP A 60 6.78 6.06 13.11
CA ASP A 60 6.50 7.16 14.02
C ASP A 60 7.83 7.71 14.49
N GLU A 61 8.05 9.00 14.23
CA GLU A 61 9.32 9.64 14.56
C GLU A 61 9.60 9.64 16.05
N ALA A 62 8.57 9.62 16.89
CA ALA A 62 8.77 9.71 18.33
C ALA A 62 9.15 8.38 18.99
N LEU A 63 9.02 7.25 18.29
CA LEU A 63 9.21 5.95 18.94
C LEU A 63 10.68 5.59 19.14
N SER A 64 11.59 6.24 18.42
CA SER A 64 12.99 5.84 18.46
C SER A 64 13.88 7.05 18.22
N LYS A 65 15.13 6.92 18.66
CA LYS A 65 16.12 7.93 18.37
C LYS A 65 16.54 7.87 16.91
N THR A 66 16.78 9.02 16.32
CA THR A 66 17.24 9.08 14.95
C THR A 66 18.69 8.61 14.85
N LEU A 67 18.95 7.70 13.92
CA LEU A 67 20.29 7.31 13.52
C LEU A 67 20.46 7.73 12.08
N THR A 68 21.66 8.21 11.73
CA THR A 68 22.02 8.55 10.35
C THR A 68 23.28 7.78 9.97
N PRO A 69 23.18 6.47 9.81
CA PRO A 69 24.40 5.66 9.65
C PRO A 69 25.00 5.81 8.26
N GLN A 70 26.31 5.61 8.20
CA GLN A 70 27.01 5.64 6.92
C GLN A 70 26.76 4.37 6.12
N HIS A 71 26.49 3.25 6.80
CA HIS A 71 26.25 1.97 6.15
C HIS A 71 25.00 1.32 6.71
N ASP A 72 24.42 0.45 5.88
CA ASP A 72 23.24 -0.27 6.30
C ASP A 72 23.52 -1.02 7.60
N HIS A 73 22.53 -1.04 8.49
CA HIS A 73 22.61 -1.94 9.63
C HIS A 73 22.62 -3.38 9.13
N PRO A 74 23.41 -4.28 9.75
CA PRO A 74 23.45 -5.69 9.29
C PRO A 74 22.08 -6.35 9.19
N LEU A 75 21.15 -5.99 10.08
CA LEU A 75 19.83 -6.61 10.04
C LEU A 75 19.05 -6.14 8.82
N PHE A 76 19.23 -4.88 8.44
CA PHE A 76 18.58 -4.38 7.23
C PHE A 76 19.24 -4.97 5.99
N ARG A 77 20.58 -5.03 5.98
CA ARG A 77 21.28 -5.67 4.89
C ARG A 77 20.79 -7.11 4.69
N SER A 78 20.56 -7.82 5.79
CA SER A 78 20.16 -9.23 5.71
C SER A 78 18.81 -9.38 5.02
N ILE A 79 17.79 -8.65 5.50
CA ILE A 79 16.46 -8.82 4.92
C ILE A 79 16.43 -8.24 3.51
N SER A 80 17.19 -7.17 3.26
CA SER A 80 17.21 -6.56 1.94
C SER A 80 17.77 -7.52 0.90
N GLU A 81 18.93 -8.11 1.19
CA GLU A 81 19.54 -9.06 0.26
C GLU A 81 18.72 -10.35 0.16
N ALA A 82 18.13 -10.79 1.26
CA ALA A 82 17.30 -12.00 1.24
C ALA A 82 16.08 -11.81 0.35
N MET A 83 15.48 -10.61 0.39
CA MET A 83 14.33 -10.33 -0.45
C MET A 83 14.68 -10.34 -1.92
N ASP A 84 15.96 -10.15 -2.27
CA ASP A 84 16.35 -10.16 -3.67
C ASP A 84 16.11 -11.51 -4.32
N GLU A 85 15.97 -12.58 -3.53
CA GLU A 85 15.65 -13.87 -4.11
C GLU A 85 14.22 -13.94 -4.62
N TYR A 86 13.32 -13.14 -4.06
CA TYR A 86 11.91 -13.26 -4.38
C TYR A 86 11.32 -12.07 -5.12
N VAL A 87 11.97 -10.90 -5.11
CA VAL A 87 11.45 -9.73 -5.79
C VAL A 87 12.56 -9.07 -6.60
N THR A 88 12.15 -8.30 -7.60
CA THR A 88 13.00 -7.47 -8.44
C THR A 88 12.29 -6.13 -8.60
N PRO A 89 13.03 -5.04 -8.81
CA PRO A 89 12.38 -3.76 -9.08
C PRO A 89 11.36 -3.85 -10.20
N TYR A 90 10.18 -3.28 -9.96
CA TYR A 90 9.17 -3.20 -11.01
C TYR A 90 9.73 -2.51 -12.24
N GLU A 91 10.37 -1.35 -12.04
CA GLU A 91 11.32 -0.73 -12.97
C GLU A 91 11.73 0.62 -12.40
N GLN A 99 14.28 4.37 -5.98
CA GLN A 99 13.01 4.66 -5.32
C GLN A 99 11.95 3.64 -5.68
N ALA A 100 11.55 2.85 -4.69
CA ALA A 100 10.49 1.85 -4.85
C ALA A 100 9.25 2.19 -4.04
N SER A 101 9.10 3.44 -3.62
CA SER A 101 7.94 3.86 -2.86
C SER A 101 6.96 4.57 -3.78
N ALA A 102 5.69 4.23 -3.63
CA ALA A 102 4.64 4.94 -4.35
C ALA A 102 4.49 6.37 -3.82
N ARG A 103 4.09 7.26 -4.73
CA ARG A 103 3.96 8.67 -4.43
C ARG A 103 2.49 8.99 -4.13
N GLN A 104 2.21 9.43 -2.91
CA GLN A 104 0.86 9.76 -2.47
C GLN A 104 0.45 11.14 -2.99
N PHE A 105 -0.75 11.23 -3.57
CA PHE A 105 -1.28 12.50 -4.06
C PHE A 105 -2.61 12.89 -3.44
N TYR A 106 -3.25 12.01 -2.65
CA TYR A 106 -4.54 12.30 -2.03
C TYR A 106 -4.58 11.59 -0.68
N HIS A 107 -5.05 12.29 0.33
CA HIS A 107 -5.19 11.73 1.67
C HIS A 107 -6.42 12.33 2.34
N TRP A 108 -7.37 11.48 2.70
CA TRP A 108 -8.55 11.89 3.46
C TRP A 108 -8.59 11.08 4.74
N LYS A 109 -8.93 11.72 5.85
CA LYS A 109 -9.04 11.00 7.10
C LYS A 109 -10.28 11.44 7.87
N ARG A 110 -10.99 10.48 8.45
CA ARG A 110 -12.15 10.76 9.26
C ARG A 110 -11.78 11.69 10.40
N GLY A 111 -12.54 12.77 10.56
CA GLY A 111 -12.26 13.76 11.56
C GLY A 111 -11.31 14.85 11.12
N LEU A 112 -10.71 14.72 9.94
CA LEU A 112 -9.85 15.76 9.38
C LEU A 112 -10.31 16.24 8.03
N GLY A 113 -10.99 15.41 7.25
CA GLY A 113 -11.24 15.74 5.86
C GLY A 113 -9.98 15.54 5.05
N ARG A 114 -9.77 16.38 4.05
CA ARG A 114 -8.61 16.24 3.19
C ARG A 114 -7.37 16.70 3.93
N VAL A 115 -6.36 15.85 3.99
CA VAL A 115 -5.12 16.19 4.67
C VAL A 115 -4.16 16.92 3.73
N ALA B 6 -10.57 -2.91 8.51
CA ALA B 6 -10.12 -3.61 7.30
C ALA B 6 -9.42 -2.65 6.35
N THR B 7 -8.29 -3.09 5.82
CA THR B 7 -7.50 -2.29 4.88
C THR B 7 -7.52 -2.97 3.52
N THR B 8 -7.88 -2.21 2.49
CA THR B 8 -7.99 -2.72 1.14
C THR B 8 -7.11 -1.89 0.22
N LEU B 9 -6.39 -2.58 -0.66
CA LEU B 9 -5.54 -1.93 -1.65
C LEU B 9 -5.99 -2.37 -3.04
N ILE B 10 -6.47 -1.42 -3.83
CA ILE B 10 -6.91 -1.64 -5.21
C ILE B 10 -5.84 -1.14 -6.16
N VAL B 11 -5.57 -1.92 -7.21
CA VAL B 11 -4.48 -1.70 -8.14
C VAL B 11 -5.06 -1.58 -9.53
N ALA B 12 -4.62 -0.57 -10.28
CA ALA B 12 -4.96 -0.45 -11.69
C ALA B 12 -3.75 0.12 -12.40
N ARG B 13 -3.81 0.10 -13.72
CA ARG B 13 -2.78 0.69 -14.54
C ARG B 13 -3.22 2.07 -14.99
N LEU B 14 -2.32 3.04 -14.88
CA LEU B 14 -2.63 4.40 -15.32
C LEU B 14 -2.60 4.51 -16.83
N LYS B 15 -3.60 5.20 -17.37
CA LYS B 15 -3.54 5.61 -18.76
C LYS B 15 -2.51 6.72 -18.92
N PRO B 16 -2.00 6.93 -20.14
CA PRO B 16 -0.94 7.93 -20.34
C PRO B 16 -1.39 9.33 -19.94
N GLY B 17 -0.45 10.09 -19.38
CA GLY B 17 -0.73 11.44 -18.93
C GLY B 17 -0.48 11.66 -17.45
N ASP B 18 -1.02 12.76 -16.91
CA ASP B 18 -0.95 13.05 -15.48
C ASP B 18 -2.39 13.35 -15.04
N HIS B 19 -3.03 12.39 -14.37
CA HIS B 19 -4.44 12.51 -14.01
C HIS B 19 -4.65 12.78 -12.53
N ARG B 20 -3.58 13.12 -11.80
CA ARG B 20 -3.70 13.29 -10.35
C ARG B 20 -4.69 14.39 -9.99
N ASP B 21 -4.67 15.50 -10.74
CA ASP B 21 -5.60 16.59 -10.43
C ASP B 21 -7.04 16.16 -10.61
N GLN B 22 -7.32 15.46 -11.72
CA GLN B 22 -8.69 15.02 -11.97
C GLN B 22 -9.12 13.95 -10.99
N ILE B 23 -8.25 13.00 -10.68
CA ILE B 23 -8.61 11.96 -9.72
C ILE B 23 -8.85 12.57 -8.35
N SER B 24 -8.00 13.52 -7.96
CA SER B 24 -8.20 14.19 -6.67
C SER B 24 -9.53 14.94 -6.64
N ARG B 25 -9.90 15.59 -7.74
CA ARG B 25 -11.19 16.29 -7.80
C ARG B 25 -12.34 15.32 -7.61
N LEU B 26 -12.28 14.16 -8.28
CA LEU B 26 -13.32 13.15 -8.13
C LEU B 26 -13.52 12.75 -6.67
N PHE B 27 -12.43 12.35 -6.00
CA PHE B 27 -12.54 11.89 -4.63
C PHE B 27 -12.81 13.04 -3.65
N ALA B 28 -12.33 14.24 -3.94
CA ALA B 28 -12.70 15.40 -3.13
C ALA B 28 -14.20 15.60 -3.13
N GLU B 29 -14.84 15.50 -4.31
CA GLU B 29 -16.29 15.60 -4.37
C GLU B 29 -16.96 14.41 -3.69
N SER B 30 -16.40 13.22 -3.88
CA SER B 30 -17.01 12.02 -3.30
C SER B 30 -16.94 12.03 -1.78
N ASP B 31 -15.79 12.43 -1.23
CA ASP B 31 -15.56 12.36 0.20
C ASP B 31 -16.27 13.47 0.98
N THR B 32 -16.91 14.42 0.29
CA THR B 32 -17.84 15.36 0.92
C THR B 32 -19.25 14.80 1.03
N THR B 33 -19.58 13.74 0.28
CA THR B 33 -20.90 13.14 0.36
C THR B 33 -20.98 12.22 1.57
N GLU B 34 -22.13 11.57 1.73
CA GLU B 34 -22.29 10.60 2.81
C GLU B 34 -21.59 9.28 2.53
N LEU B 35 -20.92 9.14 1.37
CA LEU B 35 -20.29 7.88 0.99
C LEU B 35 -19.34 7.33 2.06
N PRO B 36 -18.36 8.08 2.57
CA PRO B 36 -17.49 7.50 3.59
C PRO B 36 -18.22 7.11 4.86
N ASP B 37 -19.35 7.74 5.16
CA ASP B 37 -20.16 7.33 6.30
C ASP B 37 -20.86 5.99 6.02
N LEU B 38 -21.30 5.78 4.77
CA LEU B 38 -21.96 4.54 4.43
C LEU B 38 -20.98 3.37 4.45
N VAL B 39 -19.83 3.53 3.80
CA VAL B 39 -18.82 2.48 3.77
C VAL B 39 -18.19 2.29 5.14
N GLY B 40 -18.09 3.36 5.93
CA GLY B 40 -17.34 3.30 7.18
C GLY B 40 -15.87 3.62 7.01
N VAL B 41 -15.54 4.46 6.04
CA VAL B 41 -14.15 4.77 5.74
C VAL B 41 -13.53 5.56 6.87
N GLN B 42 -12.40 5.09 7.39
CA GLN B 42 -11.63 5.84 8.35
C GLN B 42 -10.51 6.66 7.68
N GLU B 43 -9.96 6.17 6.58
CA GLU B 43 -8.86 6.85 5.92
C GLU B 43 -8.75 6.34 4.48
N ARG B 44 -8.40 7.24 3.57
CA ARG B 44 -8.24 6.92 2.15
C ARG B 44 -6.95 7.56 1.68
N ARG B 45 -6.13 6.80 0.95
CA ARG B 45 -4.91 7.30 0.32
C ARG B 45 -4.89 6.86 -1.14
N LEU B 46 -4.61 7.79 -2.04
CA LEU B 46 -4.41 7.48 -3.46
C LEU B 46 -2.96 7.74 -3.81
N LEU B 47 -2.34 6.81 -4.51
CA LEU B 47 -0.93 6.89 -4.82
C LEU B 47 -0.69 6.44 -6.27
N THR B 48 0.47 6.83 -6.80
CA THR B 48 0.95 6.35 -8.10
C THR B 48 2.38 5.87 -7.99
N PHE B 49 2.75 4.94 -8.85
CA PHE B 49 4.13 4.48 -8.99
C PHE B 49 4.30 4.05 -10.44
N LYS B 50 5.20 4.71 -11.17
CA LYS B 50 5.34 4.49 -12.60
C LYS B 50 3.98 4.53 -13.29
N ASP B 51 3.58 3.45 -13.94
CA ASP B 51 2.28 3.39 -14.60
C ASP B 51 1.20 2.74 -13.74
N LEU B 52 1.35 2.77 -12.42
CA LEU B 52 0.43 2.08 -11.52
C LEU B 52 -0.34 3.07 -10.65
N TYR B 53 -1.62 2.76 -10.45
CA TYR B 53 -2.50 3.50 -9.57
C TYR B 53 -2.90 2.61 -8.39
N PHE B 54 -2.91 3.20 -7.21
CA PHE B 54 -3.24 2.49 -5.99
C PHE B 54 -4.26 3.28 -5.20
N HIS B 55 -5.33 2.62 -4.79
CA HIS B 55 -6.36 3.20 -3.94
C HIS B 55 -6.31 2.39 -2.65
N LEU B 56 -5.90 3.03 -1.56
CA LEU B 56 -5.75 2.39 -0.27
C LEU B 56 -6.81 2.97 0.68
N VAL B 57 -7.67 2.09 1.22
CA VAL B 57 -8.77 2.50 2.06
C VAL B 57 -8.79 1.66 3.34
N ARG B 58 -8.97 2.31 4.47
CA ARG B 58 -9.15 1.67 5.77
C ARG B 58 -10.59 1.93 6.19
N THR B 59 -11.31 0.88 6.58
CA THR B 59 -12.73 1.00 6.92
C THR B 59 -13.08 0.46 8.31
N ASP B 72 -26.37 -1.75 -7.45
CA ASP B 72 -25.32 -0.98 -6.81
C ASP B 72 -25.86 0.30 -6.18
N HIS B 73 -24.96 1.07 -5.56
CA HIS B 73 -25.29 2.33 -4.94
C HIS B 73 -24.78 3.46 -5.81
N PRO B 74 -25.59 4.50 -6.05
CA PRO B 74 -25.17 5.54 -7.00
C PRO B 74 -23.89 6.26 -6.61
N LEU B 75 -23.64 6.45 -5.32
CA LEU B 75 -22.41 7.11 -4.90
C LEU B 75 -21.19 6.27 -5.24
N PHE B 76 -21.27 4.96 -5.04
CA PHE B 76 -20.16 4.08 -5.42
C PHE B 76 -19.98 4.08 -6.93
N ARG B 77 -21.07 3.85 -7.67
CA ARG B 77 -20.97 3.70 -9.12
C ARG B 77 -20.41 4.94 -9.80
N SER B 78 -20.72 6.13 -9.27
CA SER B 78 -20.28 7.37 -9.92
C SER B 78 -18.76 7.50 -9.89
N ILE B 79 -18.10 6.98 -8.86
CA ILE B 79 -16.64 7.07 -8.87
C ILE B 79 -16.03 5.97 -9.72
N SER B 80 -16.69 4.81 -9.84
CA SER B 80 -16.25 3.80 -10.79
C SER B 80 -16.33 4.34 -12.22
N GLU B 81 -17.43 5.01 -12.56
CA GLU B 81 -17.63 5.47 -13.92
C GLU B 81 -16.64 6.56 -14.29
N ALA B 82 -16.34 7.46 -13.36
CA ALA B 82 -15.41 8.55 -13.66
C ALA B 82 -13.98 8.05 -13.82
N MET B 83 -13.57 7.05 -13.04
CA MET B 83 -12.19 6.55 -13.13
C MET B 83 -11.86 5.89 -14.46
N ASP B 84 -12.85 5.65 -15.33
CA ASP B 84 -12.57 5.00 -16.61
C ASP B 84 -11.71 5.86 -17.50
N GLU B 85 -11.83 7.19 -17.38
CA GLU B 85 -11.02 8.10 -18.18
C GLU B 85 -9.53 7.95 -17.87
N TYR B 86 -9.18 7.42 -16.69
CA TYR B 86 -7.82 7.53 -16.18
C TYR B 86 -7.11 6.21 -15.95
N VAL B 87 -7.83 5.09 -15.79
CA VAL B 87 -7.20 3.82 -15.49
C VAL B 87 -7.79 2.71 -16.34
N THR B 88 -7.00 1.65 -16.50
CA THR B 88 -7.35 0.41 -17.20
C THR B 88 -6.94 -0.74 -16.29
N PRO B 89 -7.58 -1.90 -16.42
CA PRO B 89 -7.21 -3.03 -15.56
C PRO B 89 -5.74 -3.41 -15.72
N TYR B 90 -5.11 -3.76 -14.60
CA TYR B 90 -3.70 -4.15 -14.64
C TYR B 90 -3.47 -5.35 -15.55
N GLU B 91 -4.35 -6.33 -15.52
CA GLU B 91 -4.31 -7.48 -16.43
C GLU B 91 -5.63 -7.54 -17.19
N GLY B 92 -5.53 -7.70 -18.52
CA GLY B 92 -6.70 -7.55 -19.37
C GLY B 92 -7.52 -8.80 -19.55
N ALA B 93 -6.93 -9.98 -19.32
CA ALA B 93 -7.59 -11.24 -19.71
C ALA B 93 -8.97 -11.38 -19.09
N TRP B 94 -9.07 -11.13 -17.78
CA TRP B 94 -10.31 -11.06 -17.03
C TRP B 94 -10.52 -9.66 -16.44
N GLY B 95 -9.99 -8.65 -17.14
CA GLY B 95 -10.08 -7.29 -16.64
C GLY B 95 -11.52 -6.87 -16.36
N SER B 96 -11.70 -6.22 -15.20
CA SER B 96 -12.96 -5.62 -14.75
C SER B 96 -13.87 -6.60 -14.02
N VAL B 97 -13.68 -7.90 -14.20
CA VAL B 97 -14.54 -8.88 -13.56
C VAL B 97 -13.81 -9.73 -12.54
N GLU B 98 -12.50 -9.81 -12.57
CA GLU B 98 -11.78 -10.39 -11.46
C GLU B 98 -11.40 -9.27 -10.50
N GLN B 99 -11.18 -9.65 -9.24
CA GLN B 99 -10.89 -8.66 -8.22
C GLN B 99 -9.60 -7.91 -8.56
N ALA B 100 -9.63 -6.60 -8.31
CA ALA B 100 -8.48 -5.72 -8.48
C ALA B 100 -7.83 -5.36 -7.15
N SER B 101 -8.21 -6.03 -6.07
CA SER B 101 -7.66 -5.75 -4.75
C SER B 101 -6.58 -6.77 -4.41
N ALA B 102 -5.51 -6.27 -3.79
CA ALA B 102 -4.41 -7.10 -3.35
C ALA B 102 -4.86 -7.98 -2.18
N ARG B 103 -4.08 -9.02 -1.92
CA ARG B 103 -4.36 -9.96 -0.83
C ARG B 103 -3.26 -9.84 0.21
N GLN B 104 -3.65 -9.48 1.44
CA GLN B 104 -2.69 -9.36 2.52
C GLN B 104 -2.27 -10.74 3.01
N PHE B 105 -0.96 -10.93 3.20
CA PHE B 105 -0.43 -12.16 3.76
C PHE B 105 0.41 -11.97 5.02
N TYR B 106 0.65 -10.74 5.46
CA TYR B 106 1.41 -10.49 6.68
C TYR B 106 0.89 -9.22 7.33
N HIS B 107 0.84 -9.22 8.67
CA HIS B 107 0.43 -8.05 9.44
C HIS B 107 1.10 -8.14 10.80
N TRP B 108 1.83 -7.08 11.16
CA TRP B 108 2.44 -6.92 12.46
C TRP B 108 2.00 -5.57 12.99
N LYS B 109 1.70 -5.50 14.29
CA LYS B 109 1.27 -4.25 14.88
C LYS B 109 1.94 -4.11 16.23
N ARG B 110 2.58 -2.96 16.45
CA ARG B 110 3.19 -2.69 17.74
C ARG B 110 2.15 -2.79 18.84
N GLY B 111 2.51 -3.46 19.94
CA GLY B 111 1.57 -3.70 21.01
C GLY B 111 1.14 -5.16 21.04
N LEU B 112 0.63 -5.66 19.91
CA LEU B 112 0.26 -7.06 19.80
C LEU B 112 1.38 -7.92 19.24
N GLY B 113 2.25 -7.34 18.41
CA GLY B 113 3.18 -8.12 17.62
C GLY B 113 2.46 -8.77 16.45
N ARG B 114 2.48 -10.10 16.41
CA ARG B 114 1.88 -10.83 15.29
C ARG B 114 0.39 -10.56 15.20
N VAL B 115 -0.06 -10.29 13.98
CA VAL B 115 -1.49 -10.26 13.66
C VAL B 115 -1.84 -11.28 12.58
N GLN B 116 -1.00 -11.38 11.56
CA GLN B 116 -1.13 -12.41 10.53
C GLN B 116 0.28 -12.76 10.05
N PRO B 117 0.70 -14.03 10.14
CA PRO B 117 0.01 -15.14 10.80
C PRO B 117 0.44 -15.23 12.26
#